data_7QTY
#
_entry.id   7QTY
#
_cell.length_a   98.545
_cell.length_b   98.545
_cell.length_c   89.595
_cell.angle_alpha   90.000
_cell.angle_beta   90.000
_cell.angle_gamma   90.000
#
_symmetry.space_group_name_H-M   'P 41 21 2'
#
loop_
_entity.id
_entity.type
_entity.pdbx_description
1 polymer 'Na(+)-translocating NADH-quinone reductase subunit F'
2 non-polymer 'FLAVIN-ADENINE DINUCLEOTIDE'
3 non-polymer 1-(furan-2-ylmethyl)-3-(2-methylphenyl)thiourea
4 non-polymer 'DIMETHYL SULFOXIDE'
5 water water
#
_entity_poly.entity_id   1
_entity_poly.type   'polypeptide(L)'
_entity_poly.pdbx_seq_one_letter_code
;GPVKKWECEVISNDNKATFIKELKLRIPEGEVVPFRAGGYIQIECPPHKVAYADFDVPDEYRSDWDKFNLFRYVSEVKEP
TLRAYSMANYPEEKGIIMLNVRIATPPPKIPDAPPGIMSSYIWSLKPGDKVTISGPFGEFFAKETDAEMVFIGGGAGMAP
MRSHIFDQLKRLHSTRKISFWYGARSLREMFYDEEFEQLARDNPNFTFHVALSDPLPEDNWTGHTGFIHNVLYENYLRDH
PAPEDCEFYMCGPPVMNAAVIKMLKDLGVEDENILLDDFGG
;
_entity_poly.pdbx_strand_id   A
#
loop_
_chem_comp.id
_chem_comp.type
_chem_comp.name
_chem_comp.formula
DMS non-polymer 'DIMETHYL SULFOXIDE' 'C2 H6 O S'
F0R non-polymer 1-(furan-2-ylmethyl)-3-(2-methylphenyl)thiourea 'C13 H14 N2 O S'
FAD non-polymer 'FLAVIN-ADENINE DINUCLEOTIDE' 'C27 H33 N9 O15 P2'
#
# COMPACT_ATOMS: atom_id res chain seq x y z
N GLY A 1 -12.11 18.61 -21.40
CA GLY A 1 -11.59 17.30 -21.11
C GLY A 1 -11.94 16.83 -19.70
N PRO A 2 -13.22 16.57 -19.46
CA PRO A 2 -13.64 16.17 -18.12
C PRO A 2 -13.09 14.79 -17.79
N VAL A 3 -12.81 14.58 -16.49
CA VAL A 3 -12.21 13.33 -16.05
C VAL A 3 -13.19 12.19 -16.27
N LYS A 4 -12.67 11.03 -16.69
CA LYS A 4 -13.49 9.84 -16.88
C LYS A 4 -13.85 9.22 -15.53
N LYS A 5 -15.04 8.61 -15.48
CA LYS A 5 -15.55 7.99 -14.26
C LYS A 5 -16.08 6.60 -14.60
N TRP A 6 -16.01 5.70 -13.62
CA TRP A 6 -16.53 4.35 -13.74
C TRP A 6 -17.30 4.03 -12.46
N GLU A 7 -18.54 3.57 -12.59
CA GLU A 7 -19.24 3.05 -11.42
C GLU A 7 -18.94 1.56 -11.31
N CYS A 8 -18.25 1.19 -10.25
CA CYS A 8 -17.73 -0.15 -10.04
C CYS A 8 -18.51 -0.85 -8.93
N GLU A 9 -18.48 -2.18 -8.95
CA GLU A 9 -19.11 -2.99 -7.91
C GLU A 9 -18.03 -3.58 -7.00
N VAL A 10 -18.31 -3.57 -5.70
CA VAL A 10 -17.36 -4.14 -4.75
C VAL A 10 -17.39 -5.66 -4.85
N ILE A 11 -16.23 -6.26 -5.15
CA ILE A 11 -16.07 -7.70 -5.13
C ILE A 11 -15.79 -8.20 -3.72
N SER A 12 -14.77 -7.60 -3.09
CA SER A 12 -14.36 -8.00 -1.75
C SER A 12 -13.75 -6.80 -1.05
N ASN A 13 -13.74 -6.84 0.27
CA ASN A 13 -13.20 -5.77 1.09
C ASN A 13 -12.58 -6.37 2.34
N ASP A 14 -11.56 -7.21 2.15
CA ASP A 14 -10.99 -8.01 3.23
C ASP A 14 -9.82 -7.31 3.92
N ASN A 15 -9.75 -7.44 5.25
CA ASN A 15 -8.56 -6.99 5.96
C ASN A 15 -7.36 -7.76 5.43
N LYS A 16 -6.27 -7.05 5.17
CA LYS A 16 -4.98 -7.69 4.92
C LYS A 16 -4.02 -7.52 6.08
N ALA A 17 -4.36 -6.63 7.02
CA ALA A 17 -3.57 -6.32 8.21
C ALA A 17 -4.56 -5.76 9.21
N THR A 18 -4.09 -5.44 10.43
CA THR A 18 -5.02 -4.95 11.43
C THR A 18 -5.77 -3.72 10.94
N PHE A 19 -5.06 -2.83 10.22
CA PHE A 19 -5.61 -1.53 9.88
C PHE A 19 -5.61 -1.25 8.39
N ILE A 20 -5.52 -2.29 7.55
CA ILE A 20 -5.53 -2.11 6.10
C ILE A 20 -6.53 -3.08 5.50
N LYS A 21 -7.40 -2.57 4.62
CA LYS A 21 -8.30 -3.41 3.86
C LYS A 21 -7.88 -3.40 2.40
N GLU A 22 -8.05 -4.56 1.76
CA GLU A 22 -7.92 -4.66 0.31
C GLU A 22 -9.31 -4.48 -0.29
N LEU A 23 -9.55 -3.33 -0.92
CA LEU A 23 -10.84 -3.10 -1.57
C LEU A 23 -10.66 -3.51 -3.02
N LYS A 24 -11.41 -4.52 -3.46
CA LYS A 24 -11.30 -5.00 -4.83
C LYS A 24 -12.58 -4.64 -5.57
N LEU A 25 -12.45 -3.86 -6.64
CA LEU A 25 -13.58 -3.35 -7.39
C LEU A 25 -13.63 -3.99 -8.77
N ARG A 26 -14.83 -4.32 -9.22
CA ARG A 26 -15.04 -4.83 -10.58
C ARG A 26 -15.26 -3.67 -11.53
N ILE A 27 -14.36 -3.52 -12.50
CA ILE A 27 -14.56 -2.55 -13.60
C ILE A 27 -15.74 -3.01 -14.45
N PRO A 28 -16.61 -2.11 -14.92
CA PRO A 28 -17.69 -2.54 -15.81
C PRO A 28 -17.14 -3.41 -16.94
N GLU A 29 -17.87 -4.46 -17.28
CA GLU A 29 -17.37 -5.45 -18.22
CA GLU A 29 -17.36 -5.45 -18.21
C GLU A 29 -17.11 -4.81 -19.58
N GLY A 30 -16.01 -5.21 -20.21
CA GLY A 30 -15.63 -4.66 -21.49
C GLY A 30 -14.88 -3.35 -21.42
N GLU A 31 -14.80 -2.72 -20.25
CA GLU A 31 -14.15 -1.42 -20.12
C GLU A 31 -12.75 -1.58 -19.53
N VAL A 32 -11.93 -0.55 -19.73
CA VAL A 32 -10.54 -0.54 -19.28
C VAL A 32 -10.31 0.77 -18.55
N VAL A 33 -9.64 0.69 -17.41
CA VAL A 33 -9.09 1.87 -16.73
C VAL A 33 -7.63 1.97 -17.15
N PRO A 34 -7.25 2.93 -17.98
CA PRO A 34 -5.93 2.92 -18.63
C PRO A 34 -4.84 3.50 -17.73
N PHE A 35 -4.56 2.83 -16.63
CA PHE A 35 -3.62 3.36 -15.65
C PHE A 35 -2.21 2.82 -15.87
N ARG A 36 -1.26 3.46 -15.21
CA ARG A 36 0.13 3.01 -15.17
C ARG A 36 0.50 2.59 -13.76
N ALA A 37 1.42 1.63 -13.66
CA ALA A 37 1.88 1.20 -12.35
C ALA A 37 2.41 2.39 -11.56
N GLY A 38 2.00 2.50 -10.30
CA GLY A 38 2.26 3.67 -9.50
C GLY A 38 1.17 4.71 -9.52
N GLY A 39 0.22 4.59 -10.46
CA GLY A 39 -0.86 5.53 -10.58
C GLY A 39 -1.98 5.27 -9.57
N TYR A 40 -3.01 6.10 -9.68
CA TYR A 40 -4.08 6.08 -8.69
C TYR A 40 -5.38 6.53 -9.31
N ILE A 41 -6.48 6.26 -8.61
CA ILE A 41 -7.78 6.79 -8.98
C ILE A 41 -8.26 7.66 -7.81
N GLN A 42 -9.39 8.33 -8.00
CA GLN A 42 -10.09 8.93 -6.90
C GLN A 42 -11.38 8.18 -6.67
N ILE A 43 -11.76 8.04 -5.40
CA ILE A 43 -13.03 7.46 -5.01
C ILE A 43 -13.90 8.58 -4.45
N GLU A 44 -15.20 8.55 -4.75
CA GLU A 44 -16.11 9.51 -4.16
C GLU A 44 -17.10 8.79 -3.25
N CYS A 45 -17.60 9.50 -2.27
CA CYS A 45 -18.64 8.94 -1.43
C CYS A 45 -19.86 9.83 -1.46
N PRO A 46 -21.05 9.27 -1.29
CA PRO A 46 -22.23 10.09 -1.06
C PRO A 46 -22.31 10.50 0.40
N PRO A 47 -23.21 11.39 0.76
CA PRO A 47 -23.51 11.59 2.18
C PRO A 47 -23.86 10.25 2.81
N HIS A 48 -23.45 10.06 4.07
CA HIS A 48 -23.66 8.77 4.73
C HIS A 48 -23.38 8.89 6.22
N LYS A 49 -23.74 7.84 6.95
CA LYS A 49 -23.37 7.67 8.35
C LYS A 49 -23.07 6.20 8.56
N VAL A 50 -21.86 5.88 9.02
CA VAL A 50 -21.41 4.50 9.16
C VAL A 50 -20.85 4.27 10.56
N ALA A 51 -21.10 3.08 11.09
CA ALA A 51 -20.59 2.69 12.41
C ALA A 51 -19.43 1.72 12.24
N TYR A 52 -18.33 2.00 12.92
CA TYR A 52 -17.21 1.05 12.92
C TYR A 52 -17.66 -0.33 13.42
N ALA A 53 -18.66 -0.38 14.30
CA ALA A 53 -19.14 -1.65 14.83
C ALA A 53 -19.69 -2.57 13.73
N ASP A 54 -20.09 -1.99 12.61
CA ASP A 54 -20.63 -2.78 11.51
C ASP A 54 -19.56 -3.21 10.51
N PHE A 55 -18.31 -2.80 10.71
CA PHE A 55 -17.23 -3.20 9.82
C PHE A 55 -17.01 -4.72 9.92
N ASP A 56 -16.59 -5.33 8.81
CA ASP A 56 -16.25 -6.76 8.81
C ASP A 56 -14.78 -6.87 9.14
N VAL A 57 -14.47 -6.97 10.44
CA VAL A 57 -13.09 -7.10 10.90
C VAL A 57 -12.88 -8.55 11.33
N PRO A 58 -12.02 -9.32 10.66
CA PRO A 58 -11.97 -10.76 10.89
C PRO A 58 -11.27 -11.10 12.21
N ASP A 59 -11.46 -12.37 12.59
CA ASP A 59 -11.00 -12.93 13.87
C ASP A 59 -9.60 -12.48 14.27
N GLU A 60 -8.63 -12.60 13.35
CA GLU A 60 -7.24 -12.35 13.69
CA GLU A 60 -7.22 -12.33 13.63
C GLU A 60 -6.96 -10.91 14.12
N TYR A 61 -7.86 -9.97 13.83
CA TYR A 61 -7.60 -8.56 14.12
C TYR A 61 -8.53 -7.95 15.17
N ARG A 62 -9.55 -8.68 15.61
CA ARG A 62 -10.56 -8.13 16.51
C ARG A 62 -10.01 -7.79 17.88
N SER A 63 -9.04 -8.57 18.37
CA SER A 63 -8.56 -8.29 19.72
C SER A 63 -7.94 -6.91 19.80
N ASP A 64 -7.17 -6.51 18.77
CA ASP A 64 -6.59 -5.17 18.80
C ASP A 64 -7.67 -4.10 18.59
N TRP A 65 -8.65 -4.37 17.72
CA TRP A 65 -9.76 -3.42 17.58
C TRP A 65 -10.48 -3.23 18.91
N ASP A 66 -10.68 -4.32 19.65
CA ASP A 66 -11.34 -4.21 20.95
C ASP A 66 -10.43 -3.49 21.95
N LYS A 67 -9.14 -3.84 21.93
CA LYS A 67 -8.18 -3.24 22.85
C LYS A 67 -8.16 -1.73 22.76
N PHE A 68 -8.23 -1.18 21.54
CA PHE A 68 -8.22 0.27 21.34
C PHE A 68 -9.63 0.86 21.23
N ASN A 69 -10.66 0.07 21.56
CA ASN A 69 -12.05 0.52 21.56
CA ASN A 69 -12.05 0.52 21.56
C ASN A 69 -12.45 1.16 20.23
N LEU A 70 -11.90 0.63 19.14
CA LEU A 70 -12.21 1.22 17.84
C LEU A 70 -13.64 0.94 17.37
N PHE A 71 -14.29 -0.10 17.89
CA PHE A 71 -15.63 -0.39 17.37
C PHE A 71 -16.67 0.63 17.83
N ARG A 72 -16.29 1.58 18.68
CA ARG A 72 -17.22 2.61 19.16
C ARG A 72 -17.37 3.77 18.18
N TYR A 73 -16.45 3.90 17.21
CA TYR A 73 -16.43 5.08 16.37
C TYR A 73 -17.60 5.08 15.39
N VAL A 74 -18.08 6.29 15.08
CA VAL A 74 -19.10 6.50 14.07
C VAL A 74 -18.64 7.65 13.20
N SER A 75 -18.91 7.57 11.90
CA SER A 75 -18.50 8.63 10.98
C SER A 75 -19.72 9.10 10.20
N GLU A 76 -20.01 10.39 10.28
CA GLU A 76 -21.16 11.00 9.64
C GLU A 76 -20.68 12.10 8.70
N VAL A 77 -21.10 12.02 7.44
CA VAL A 77 -20.66 12.91 6.37
C VAL A 77 -21.89 13.46 5.67
N LYS A 78 -22.03 14.78 5.64
CA LYS A 78 -23.23 15.34 5.03
C LYS A 78 -23.03 15.75 3.57
N GLU A 79 -21.79 15.81 3.10
CA GLU A 79 -21.54 16.25 1.74
C GLU A 79 -20.61 15.26 1.05
N PRO A 80 -20.79 15.04 -0.25
CA PRO A 80 -19.87 14.14 -0.97
C PRO A 80 -18.44 14.66 -0.95
N THR A 81 -17.48 13.75 -0.98
CA THR A 81 -16.08 14.14 -1.04
C THR A 81 -15.31 13.13 -1.88
N LEU A 82 -14.03 13.43 -2.11
CA LEU A 82 -13.15 12.65 -2.97
C LEU A 82 -11.82 12.42 -2.27
N ARG A 83 -11.23 11.22 -2.45
CA ARG A 83 -9.87 10.98 -1.98
C ARG A 83 -9.17 10.08 -2.99
N ALA A 84 -7.84 10.16 -3.02
CA ALA A 84 -7.03 9.36 -3.93
C ALA A 84 -6.58 8.04 -3.30
N TYR A 85 -6.59 6.97 -4.09
CA TYR A 85 -6.09 5.65 -3.68
C TYR A 85 -5.33 5.02 -4.84
N SER A 86 -4.18 4.41 -4.53
CA SER A 86 -3.27 3.92 -5.56
C SER A 86 -3.58 2.47 -5.92
N MET A 87 -3.37 2.14 -7.20
CA MET A 87 -3.69 0.78 -7.64
C MET A 87 -2.66 -0.20 -7.06
N ALA A 88 -3.15 -1.28 -6.44
CA ALA A 88 -2.29 -2.39 -6.07
C ALA A 88 -2.17 -3.43 -7.17
N ASN A 89 -3.14 -3.51 -8.08
CA ASN A 89 -2.96 -4.37 -9.24
C ASN A 89 -2.09 -3.64 -10.27
N TYR A 90 -1.46 -4.42 -11.13
CA TYR A 90 -0.73 -3.81 -12.23
C TYR A 90 -1.54 -3.84 -13.51
N PRO A 91 -1.15 -3.07 -14.53
CA PRO A 91 -2.08 -2.83 -15.65
C PRO A 91 -2.52 -4.08 -16.39
N GLU A 92 -1.74 -5.15 -16.42
CA GLU A 92 -2.19 -6.35 -17.12
C GLU A 92 -3.19 -7.17 -16.30
N GLU A 93 -3.39 -6.84 -15.03
CA GLU A 93 -4.46 -7.45 -14.25
C GLU A 93 -5.72 -6.67 -14.60
N LYS A 94 -6.41 -7.13 -15.66
CA LYS A 94 -7.55 -6.42 -16.21
C LYS A 94 -8.82 -6.72 -15.42
N GLY A 95 -9.81 -5.85 -15.62
CA GLY A 95 -11.14 -6.09 -15.11
C GLY A 95 -11.38 -5.68 -13.67
N ILE A 96 -10.34 -5.31 -12.93
CA ILE A 96 -10.47 -5.00 -11.51
C ILE A 96 -9.62 -3.77 -11.21
N ILE A 97 -9.98 -3.11 -10.12
CA ILE A 97 -9.14 -2.09 -9.50
C ILE A 97 -8.99 -2.53 -8.05
N MET A 98 -7.76 -2.86 -7.66
CA MET A 98 -7.41 -3.31 -6.32
C MET A 98 -6.80 -2.15 -5.55
N LEU A 99 -7.30 -1.87 -4.35
CA LEU A 99 -6.74 -0.83 -3.51
C LEU A 99 -6.32 -1.42 -2.17
N ASN A 100 -5.38 -0.76 -1.49
CA ASN A 100 -5.04 -1.07 -0.10
C ASN A 100 -5.32 0.19 0.70
N VAL A 101 -6.25 0.12 1.65
CA VAL A 101 -6.80 1.32 2.28
C VAL A 101 -6.59 1.24 3.79
N ARG A 102 -5.73 2.12 4.31
CA ARG A 102 -5.55 2.23 5.76
C ARG A 102 -6.75 2.93 6.38
N ILE A 103 -7.20 2.45 7.54
CA ILE A 103 -8.27 3.15 8.25
C ILE A 103 -7.66 4.32 9.00
N ALA A 104 -8.11 5.53 8.68
CA ALA A 104 -7.55 6.75 9.27
C ALA A 104 -8.37 7.09 10.52
N THR A 105 -8.04 6.43 11.62
CA THR A 105 -8.69 6.68 12.89
C THR A 105 -8.31 8.04 13.42
N PRO A 106 -9.08 8.57 14.37
CA PRO A 106 -8.67 9.79 15.06
C PRO A 106 -7.30 9.62 15.70
N PRO A 107 -6.53 10.69 15.78
CA PRO A 107 -5.21 10.59 16.41
C PRO A 107 -5.34 10.12 17.84
N PRO A 108 -4.35 9.39 18.35
CA PRO A 108 -4.43 8.93 19.75
C PRO A 108 -4.52 10.06 20.75
N LYS A 109 -3.82 11.18 20.51
CA LYS A 109 -3.89 12.31 21.44
C LYS A 109 -5.15 13.15 21.24
N ILE A 110 -5.87 12.95 20.15
CA ILE A 110 -7.14 13.64 19.89
C ILE A 110 -8.18 12.59 19.53
N PRO A 111 -8.54 11.69 20.46
CA PRO A 111 -9.34 10.52 20.08
C PRO A 111 -10.79 10.85 19.78
N ASP A 112 -11.27 12.04 20.11
CA ASP A 112 -12.63 12.42 19.80
C ASP A 112 -12.73 13.28 18.54
N ALA A 113 -11.64 13.39 17.77
CA ALA A 113 -11.73 13.98 16.45
C ALA A 113 -12.66 13.14 15.57
N PRO A 114 -13.22 13.74 14.52
CA PRO A 114 -13.96 12.92 13.54
C PRO A 114 -13.04 11.88 12.92
N PRO A 115 -13.47 10.63 12.80
CA PRO A 115 -12.70 9.65 12.03
C PRO A 115 -12.48 10.13 10.60
N GLY A 116 -11.48 9.54 9.94
CA GLY A 116 -11.21 9.87 8.54
C GLY A 116 -12.43 9.59 7.67
N ILE A 117 -12.78 10.54 6.79
CA ILE A 117 -14.05 10.43 6.07
C ILE A 117 -14.01 9.28 5.06
N MET A 118 -13.07 9.30 4.12
CA MET A 118 -13.29 8.39 3.01
C MET A 118 -12.82 6.99 3.39
N SER A 119 -11.78 6.88 4.24
CA SER A 119 -11.35 5.55 4.66
C SER A 119 -12.41 4.87 5.51
N SER A 120 -13.07 5.63 6.40
CA SER A 120 -14.18 5.03 7.17
C SER A 120 -15.30 4.57 6.22
N TYR A 121 -15.63 5.39 5.23
CA TYR A 121 -16.64 4.97 4.24
C TYR A 121 -16.21 3.70 3.51
N ILE A 122 -14.95 3.65 3.07
CA ILE A 122 -14.47 2.47 2.36
C ILE A 122 -14.57 1.23 3.23
N TRP A 123 -14.17 1.35 4.51
CA TRP A 123 -14.22 0.19 5.39
C TRP A 123 -15.65 -0.29 5.66
N SER A 124 -16.65 0.56 5.41
CA SER A 124 -18.04 0.15 5.56
C SER A 124 -18.56 -0.64 4.37
N LEU A 125 -17.83 -0.69 3.25
CA LEU A 125 -18.35 -1.28 2.02
C LEU A 125 -18.40 -2.80 2.10
N LYS A 126 -19.40 -3.38 1.45
CA LYS A 126 -19.61 -4.81 1.43
C LYS A 126 -19.68 -5.28 -0.02
N PRO A 127 -19.42 -6.56 -0.27
CA PRO A 127 -19.60 -7.09 -1.63
C PRO A 127 -20.97 -6.72 -2.19
N GLY A 128 -21.00 -6.23 -3.43
CA GLY A 128 -22.22 -5.84 -4.09
C GLY A 128 -22.53 -4.35 -4.00
N ASP A 129 -21.92 -3.65 -3.06
CA ASP A 129 -22.00 -2.19 -3.05
C ASP A 129 -21.40 -1.61 -4.32
N LYS A 130 -21.83 -0.39 -4.66
CA LYS A 130 -21.36 0.31 -5.85
C LYS A 130 -20.53 1.53 -5.41
N VAL A 131 -19.44 1.79 -6.12
CA VAL A 131 -18.60 2.96 -5.84
C VAL A 131 -18.19 3.58 -7.15
N THR A 132 -18.07 4.91 -7.18
CA THR A 132 -17.66 5.64 -8.38
C THR A 132 -16.20 6.06 -8.24
N ILE A 133 -15.38 5.67 -9.22
CA ILE A 133 -13.97 6.02 -9.27
C ILE A 133 -13.73 6.92 -10.48
N SER A 134 -12.66 7.69 -10.42
CA SER A 134 -12.38 8.67 -11.46
C SER A 134 -10.89 8.69 -11.76
N GLY A 135 -10.55 9.06 -13.00
CA GLY A 135 -9.16 9.16 -13.41
C GLY A 135 -8.88 8.34 -14.65
N PRO A 136 -7.81 7.55 -14.64
CA PRO A 136 -6.78 7.43 -13.60
C PRO A 136 -5.82 8.62 -13.65
N PHE A 137 -4.93 8.70 -12.66
CA PHE A 137 -3.91 9.73 -12.52
C PHE A 137 -2.58 9.09 -12.20
N GLY A 138 -1.50 9.84 -12.35
CA GLY A 138 -0.25 9.33 -11.83
C GLY A 138 0.95 10.26 -11.94
N GLU A 139 1.88 10.10 -11.00
CA GLU A 139 3.19 10.73 -11.00
C GLU A 139 4.30 9.80 -10.56
N PHE A 140 3.99 8.78 -9.75
CA PHE A 140 4.97 7.89 -9.13
C PHE A 140 5.32 6.76 -10.10
N PHE A 141 5.98 7.13 -11.19
CA PHE A 141 6.24 6.20 -12.26
C PHE A 141 7.69 5.71 -12.26
N ALA A 142 7.89 4.49 -12.73
CA ALA A 142 9.23 3.93 -12.83
C ALA A 142 10.04 4.69 -13.88
N LYS A 143 11.32 4.89 -13.59
CA LYS A 143 12.25 5.39 -14.59
C LYS A 143 12.71 4.21 -15.45
N GLU A 144 12.72 4.40 -16.77
CA GLU A 144 13.04 3.29 -17.65
C GLU A 144 14.51 3.42 -18.05
N THR A 145 15.36 2.80 -17.26
CA THR A 145 16.80 2.74 -17.48
C THR A 145 17.24 1.28 -17.35
N ASP A 146 18.54 1.04 -17.26
CA ASP A 146 19.05 -0.27 -16.89
C ASP A 146 19.53 -0.30 -15.45
N ALA A 147 19.25 0.76 -14.69
CA ALA A 147 19.75 0.88 -13.32
C ALA A 147 19.06 -0.08 -12.38
N GLU A 148 19.80 -0.50 -11.35
CA GLU A 148 19.21 -1.30 -10.27
C GLU A 148 18.10 -0.51 -9.58
N MET A 149 17.02 -1.21 -9.21
CA MET A 149 15.88 -0.59 -8.55
C MET A 149 15.76 -1.11 -7.12
N VAL A 150 15.53 -0.20 -6.19
CA VAL A 150 15.31 -0.53 -4.77
C VAL A 150 13.96 0.05 -4.38
N PHE A 151 13.00 -0.83 -4.08
CA PHE A 151 11.67 -0.45 -3.65
C PHE A 151 11.56 -0.60 -2.14
N ILE A 152 11.06 0.44 -1.47
CA ILE A 152 10.89 0.44 -0.01
C ILE A 152 9.46 0.84 0.32
N GLY A 153 8.76 -0.01 1.08
CA GLY A 153 7.34 0.22 1.33
C GLY A 153 6.98 0.01 2.79
N GLY A 154 5.86 0.61 3.17
CA GLY A 154 5.28 0.37 4.48
C GLY A 154 3.79 0.64 4.44
N GLY A 155 3.04 -0.08 5.26
CA GLY A 155 1.60 0.18 5.36
C GLY A 155 0.91 0.05 4.03
N ALA A 156 0.00 0.97 3.73
CA ALA A 156 -0.73 0.92 2.47
C ALA A 156 0.13 1.25 1.27
N GLY A 157 1.36 1.72 1.49
CA GLY A 157 2.32 1.84 0.41
C GLY A 157 2.60 0.54 -0.29
N MET A 158 2.14 -0.58 0.28
CA MET A 158 2.28 -1.84 -0.44
C MET A 158 1.57 -1.80 -1.79
N ALA A 159 0.49 -1.00 -1.91
CA ALA A 159 -0.25 -0.96 -3.18
C ALA A 159 0.64 -0.54 -4.35
N PRO A 160 1.23 0.67 -4.38
CA PRO A 160 2.06 1.00 -5.55
C PRO A 160 3.29 0.13 -5.63
N MET A 161 3.76 -0.40 -4.51
CA MET A 161 4.91 -1.30 -4.51
C MET A 161 4.58 -2.55 -5.32
N ARG A 162 3.46 -3.20 -5.00
CA ARG A 162 3.02 -4.38 -5.74
C ARG A 162 2.81 -4.06 -7.21
N SER A 163 2.11 -2.96 -7.49
CA SER A 163 1.88 -2.58 -8.88
C SER A 163 3.20 -2.44 -9.64
N HIS A 164 4.15 -1.70 -9.06
CA HIS A 164 5.43 -1.45 -9.73
C HIS A 164 6.17 -2.76 -9.98
N ILE A 165 6.24 -3.60 -8.97
CA ILE A 165 7.08 -4.78 -9.04
C ILE A 165 6.50 -5.78 -10.03
N PHE A 166 5.20 -6.02 -9.95
CA PHE A 166 4.59 -6.91 -10.93
C PHE A 166 4.76 -6.35 -12.33
N ASP A 167 4.64 -5.02 -12.48
CA ASP A 167 4.77 -4.42 -13.81
C ASP A 167 6.16 -4.67 -14.39
N GLN A 168 7.19 -4.53 -13.56
CA GLN A 168 8.55 -4.76 -14.03
C GLN A 168 8.74 -6.20 -14.44
N LEU A 169 8.32 -7.14 -13.60
CA LEU A 169 8.66 -8.54 -13.81
C LEU A 169 7.71 -9.24 -14.78
N LYS A 170 6.44 -8.87 -14.78
CA LYS A 170 5.47 -9.60 -15.58
C LYS A 170 5.16 -8.94 -16.92
N ARG A 171 5.12 -7.61 -16.98
CA ARG A 171 4.84 -6.98 -18.26
C ARG A 171 6.13 -6.64 -19.01
N LEU A 172 7.09 -5.99 -18.34
CA LEU A 172 8.34 -5.58 -18.96
C LEU A 172 9.38 -6.72 -19.02
N HIS A 173 9.14 -7.82 -18.32
CA HIS A 173 10.08 -8.95 -18.26
C HIS A 173 11.49 -8.45 -17.96
N SER A 174 11.59 -7.56 -16.99
CA SER A 174 12.82 -6.84 -16.74
C SER A 174 13.90 -7.78 -16.21
N THR A 175 15.13 -7.55 -16.67
CA THR A 175 16.30 -8.25 -16.18
C THR A 175 17.10 -7.42 -15.19
N ARG A 176 16.66 -6.19 -14.91
CA ARG A 176 17.34 -5.32 -13.97
C ARG A 176 17.33 -5.96 -12.59
N LYS A 177 18.35 -5.65 -11.79
CA LYS A 177 18.31 -6.06 -10.39
C LYS A 177 17.25 -5.25 -9.67
N ILE A 178 16.33 -5.94 -8.99
CA ILE A 178 15.22 -5.29 -8.30
C ILE A 178 15.12 -5.92 -6.92
N SER A 179 14.97 -5.08 -5.90
CA SER A 179 14.81 -5.55 -4.53
C SER A 179 13.65 -4.77 -3.91
N PHE A 180 12.90 -5.44 -3.04
CA PHE A 180 11.75 -4.85 -2.35
C PHE A 180 11.94 -5.07 -0.86
N TRP A 181 11.86 -3.98 -0.11
CA TRP A 181 12.11 -3.94 1.34
C TRP A 181 10.87 -3.36 2.00
N TYR A 182 10.20 -4.16 2.83
CA TYR A 182 8.92 -3.77 3.40
C TYR A 182 9.01 -3.84 4.92
N GLY A 183 8.64 -2.75 5.58
CA GLY A 183 8.64 -2.72 7.04
C GLY A 183 7.22 -2.85 7.58
N ALA A 184 7.07 -3.66 8.62
CA ALA A 184 5.77 -3.83 9.29
C ALA A 184 6.00 -4.07 10.78
N ARG A 185 4.92 -3.95 11.57
CA ARG A 185 5.10 -4.07 13.02
C ARG A 185 5.29 -5.53 13.46
N SER A 186 4.45 -6.42 12.96
CA SER A 186 4.54 -7.83 13.33
C SER A 186 4.02 -8.69 12.18
N LEU A 187 4.07 -10.01 12.36
CA LEU A 187 3.84 -10.92 11.23
C LEU A 187 2.43 -10.79 10.66
N ARG A 188 1.43 -10.60 11.52
CA ARG A 188 0.05 -10.48 11.07
C ARG A 188 -0.17 -9.25 10.21
N GLU A 189 0.77 -8.31 10.21
CA GLU A 189 0.63 -7.10 9.41
C GLU A 189 1.22 -7.27 8.02
N MET A 190 1.88 -8.40 7.75
CA MET A 190 2.45 -8.67 6.42
C MET A 190 1.38 -9.31 5.54
N PHE A 191 1.36 -8.89 4.27
CA PHE A 191 0.47 -9.50 3.28
C PHE A 191 1.13 -9.46 1.91
N TYR A 192 0.62 -10.28 1.01
CA TYR A 192 1.14 -10.50 -0.34
C TYR A 192 2.50 -11.19 -0.32
N ASP A 193 2.99 -11.62 0.85
CA ASP A 193 4.35 -12.17 0.91
C ASP A 193 4.50 -13.41 0.04
N GLU A 194 3.47 -14.25 -0.04
CA GLU A 194 3.58 -15.45 -0.88
C GLU A 194 3.75 -15.07 -2.35
N GLU A 195 3.02 -14.05 -2.80
CA GLU A 195 3.18 -13.55 -4.17
C GLU A 195 4.62 -13.14 -4.44
N PHE A 196 5.20 -12.36 -3.52
CA PHE A 196 6.55 -11.88 -3.75
C PHE A 196 7.57 -13.01 -3.63
N GLU A 197 7.31 -14.01 -2.78
CA GLU A 197 8.22 -15.15 -2.69
C GLU A 197 8.19 -15.96 -3.98
N GLN A 198 7.01 -16.13 -4.57
CA GLN A 198 6.92 -16.80 -5.86
C GLN A 198 7.64 -16.01 -6.93
N LEU A 199 7.46 -14.68 -6.93
CA LEU A 199 8.16 -13.84 -7.91
C LEU A 199 9.67 -14.01 -7.76
N ALA A 200 10.15 -14.11 -6.52
CA ALA A 200 11.60 -14.28 -6.30
C ALA A 200 12.09 -15.63 -6.80
N ARG A 201 11.27 -16.68 -6.64
CA ARG A 201 11.67 -17.98 -7.17
C ARG A 201 11.71 -17.98 -8.70
N ASP A 202 10.78 -17.27 -9.34
CA ASP A 202 10.69 -17.26 -10.79
C ASP A 202 11.61 -16.24 -11.45
N ASN A 203 12.19 -15.31 -10.69
CA ASN A 203 13.00 -14.22 -11.23
C ASN A 203 14.27 -14.10 -10.41
N PRO A 204 15.37 -14.70 -10.86
CA PRO A 204 16.60 -14.61 -10.06
C PRO A 204 17.01 -13.19 -9.72
N ASN A 205 16.63 -12.20 -10.53
CA ASN A 205 17.04 -10.81 -10.32
C ASN A 205 16.19 -10.07 -9.30
N PHE A 206 15.14 -10.70 -8.77
CA PHE A 206 14.26 -10.07 -7.79
C PHE A 206 14.47 -10.68 -6.40
N THR A 207 14.61 -9.82 -5.39
CA THR A 207 14.68 -10.27 -4.01
C THR A 207 13.70 -9.47 -3.17
N PHE A 208 13.22 -10.09 -2.09
CA PHE A 208 12.17 -9.54 -1.26
C PHE A 208 12.57 -9.70 0.20
N HIS A 209 12.42 -8.62 0.99
CA HIS A 209 12.84 -8.63 2.40
C HIS A 209 11.82 -7.91 3.26
N VAL A 210 11.43 -8.53 4.38
CA VAL A 210 10.52 -7.96 5.35
C VAL A 210 11.28 -7.70 6.64
N ALA A 211 11.08 -6.53 7.24
CA ALA A 211 11.57 -6.24 8.58
C ALA A 211 10.37 -6.07 9.49
N LEU A 212 10.40 -6.73 10.66
CA LEU A 212 9.35 -6.57 11.66
C LEU A 212 9.94 -5.81 12.84
N SER A 213 9.33 -4.67 13.17
CA SER A 213 9.86 -3.84 14.25
C SER A 213 9.55 -4.41 15.63
N ASP A 214 8.38 -5.04 15.78
CA ASP A 214 7.92 -5.53 17.08
C ASP A 214 7.27 -6.90 16.93
N PRO A 215 8.03 -7.90 16.49
CA PRO A 215 7.43 -9.22 16.28
C PRO A 215 6.89 -9.78 17.58
N LEU A 216 5.80 -10.52 17.47
CA LEU A 216 5.28 -11.21 18.64
C LEU A 216 6.03 -12.52 18.85
N PRO A 217 6.19 -12.96 20.11
CA PRO A 217 6.75 -14.30 20.32
C PRO A 217 6.06 -15.33 19.46
N GLU A 218 4.73 -15.28 19.37
CA GLU A 218 4.01 -16.31 18.64
C GLU A 218 4.15 -16.16 17.12
N ASP A 219 4.75 -15.07 16.62
CA ASP A 219 5.08 -15.00 15.20
C ASP A 219 6.14 -16.03 14.83
N ASN A 220 6.89 -16.53 15.80
CA ASN A 220 7.99 -17.46 15.54
C ASN A 220 8.94 -16.92 14.47
N TRP A 221 9.26 -15.63 14.59
CA TRP A 221 9.94 -14.89 13.52
C TRP A 221 11.45 -15.02 13.66
N THR A 222 12.10 -15.53 12.62
CA THR A 222 13.56 -15.62 12.58
C THR A 222 14.14 -14.73 11.50
N GLY A 223 13.32 -13.88 10.88
CA GLY A 223 13.77 -12.93 9.89
C GLY A 223 14.33 -11.66 10.51
N HIS A 224 14.50 -10.65 9.68
CA HIS A 224 15.08 -9.39 10.14
C HIS A 224 14.10 -8.66 11.07
N THR A 225 14.64 -8.06 12.11
CA THR A 225 13.84 -7.24 13.02
C THR A 225 14.38 -5.81 13.03
N GLY A 226 13.56 -4.91 13.55
CA GLY A 226 13.90 -3.51 13.55
C GLY A 226 13.19 -2.74 12.46
N PHE A 227 13.74 -1.58 12.13
CA PHE A 227 13.13 -0.67 11.17
C PHE A 227 13.75 -0.86 9.78
N ILE A 228 12.93 -0.68 8.74
CA ILE A 228 13.37 -1.07 7.40
C ILE A 228 14.54 -0.21 6.92
N HIS A 229 14.66 1.05 7.36
CA HIS A 229 15.81 1.82 6.91
C HIS A 229 17.12 1.23 7.45
N ASN A 230 17.11 0.73 8.69
CA ASN A 230 18.29 0.10 9.24
C ASN A 230 18.53 -1.27 8.61
N VAL A 231 17.47 -2.01 8.32
CA VAL A 231 17.64 -3.34 7.73
C VAL A 231 18.16 -3.22 6.31
N LEU A 232 17.63 -2.25 5.55
CA LEU A 232 18.11 -2.03 4.19
C LEU A 232 19.59 -1.65 4.19
N TYR A 233 20.00 -0.78 5.11
CA TYR A 233 21.41 -0.41 5.18
C TYR A 233 22.26 -1.59 5.62
N GLU A 234 21.92 -2.21 6.75
CA GLU A 234 22.81 -3.20 7.36
C GLU A 234 22.93 -4.46 6.51
N ASN A 235 21.87 -4.86 5.81
CA ASN A 235 21.87 -6.10 5.07
C ASN A 235 22.03 -5.93 3.57
N TYR A 236 22.26 -4.70 3.10
CA TYR A 236 22.44 -4.57 1.66
C TYR A 236 23.28 -3.35 1.28
N LEU A 237 22.85 -2.14 1.66
CA LEU A 237 23.54 -0.97 1.15
C LEU A 237 24.94 -0.81 1.74
N ARG A 238 25.16 -1.32 2.97
CA ARG A 238 26.43 -1.03 3.63
C ARG A 238 27.63 -1.58 2.87
N ASP A 239 27.47 -2.68 2.14
CA ASP A 239 28.57 -3.14 1.31
C ASP A 239 28.22 -3.12 -0.18
N HIS A 240 27.27 -2.29 -0.56
CA HIS A 240 27.00 -2.03 -1.97
C HIS A 240 28.10 -1.12 -2.52
N PRO A 241 28.75 -1.48 -3.63
CA PRO A 241 29.84 -0.65 -4.13
C PRO A 241 29.42 0.77 -4.50
N ALA A 242 28.16 0.99 -4.87
CA ALA A 242 27.72 2.29 -5.39
C ALA A 242 26.22 2.46 -5.21
N PRO A 243 25.76 2.64 -3.97
CA PRO A 243 24.32 2.89 -3.76
C PRO A 243 23.81 4.08 -4.55
N GLU A 244 24.69 5.04 -4.84
CA GLU A 244 24.28 6.24 -5.56
C GLU A 244 23.86 5.95 -6.99
N ASP A 245 24.24 4.80 -7.53
CA ASP A 245 23.84 4.41 -8.88
C ASP A 245 22.51 3.69 -8.92
N CYS A 246 21.87 3.52 -7.76
CA CYS A 246 20.59 2.83 -7.66
C CYS A 246 19.45 3.83 -7.76
N GLU A 247 18.29 3.34 -8.22
CA GLU A 247 17.05 4.10 -8.17
C GLU A 247 16.24 3.61 -6.98
N PHE A 248 15.82 4.54 -6.12
CA PHE A 248 15.07 4.22 -4.92
C PHE A 248 13.64 4.73 -5.06
N TYR A 249 12.68 3.87 -4.75
CA TYR A 249 11.25 4.18 -4.84
C TYR A 249 10.63 3.93 -3.46
N MET A 250 10.17 5.00 -2.83
CA MET A 250 9.72 5.01 -1.44
C MET A 250 8.23 5.27 -1.30
N CYS A 251 7.53 4.44 -0.52
CA CYS A 251 6.14 4.74 -0.19
C CYS A 251 5.77 4.04 1.13
N GLY A 252 5.72 4.81 2.21
CA GLY A 252 5.36 4.27 3.51
C GLY A 252 4.75 5.34 4.39
N PRO A 253 4.52 5.00 5.66
CA PRO A 253 4.06 6.02 6.62
C PRO A 253 5.10 7.11 6.77
N PRO A 254 4.68 8.32 7.18
CA PRO A 254 5.62 9.46 7.20
C PRO A 254 6.92 9.21 7.96
N VAL A 255 6.86 8.57 9.13
CA VAL A 255 8.08 8.33 9.89
C VAL A 255 9.04 7.43 9.12
N MET A 256 8.51 6.49 8.36
CA MET A 256 9.39 5.60 7.62
C MET A 256 9.95 6.32 6.39
N ASN A 257 9.12 7.09 5.68
CA ASN A 257 9.63 7.91 4.57
C ASN A 257 10.82 8.74 5.02
N ALA A 258 10.68 9.46 6.14
CA ALA A 258 11.74 10.35 6.57
C ALA A 258 12.99 9.57 6.94
N ALA A 259 12.84 8.46 7.67
CA ALA A 259 14.01 7.73 8.13
C ALA A 259 14.76 7.09 6.96
N VAL A 260 14.03 6.56 5.98
CA VAL A 260 14.69 5.94 4.83
C VAL A 260 15.42 7.00 4.02
N ILE A 261 14.75 8.14 3.77
CA ILE A 261 15.36 9.14 2.91
C ILE A 261 16.58 9.73 3.58
N LYS A 262 16.52 9.94 4.90
CA LYS A 262 17.71 10.39 5.63
C LYS A 262 18.86 9.41 5.49
N MET A 263 18.57 8.12 5.71
CA MET A 263 19.59 7.10 5.52
C MET A 263 20.22 7.19 4.12
N LEU A 264 19.38 7.37 3.09
CA LEU A 264 19.89 7.41 1.72
C LEU A 264 20.73 8.65 1.49
N LYS A 265 20.23 9.81 1.91
CA LYS A 265 21.01 11.03 1.76
C LYS A 265 22.33 10.93 2.49
N ASP A 266 22.33 10.32 3.68
CA ASP A 266 23.58 10.16 4.42
C ASP A 266 24.57 9.30 3.67
N LEU A 267 24.08 8.33 2.88
CA LEU A 267 24.93 7.53 2.01
C LEU A 267 25.41 8.30 0.78
N GLY A 268 24.96 9.52 0.58
CA GLY A 268 25.36 10.27 -0.59
C GLY A 268 24.49 10.06 -1.81
N VAL A 269 23.33 9.43 -1.67
CA VAL A 269 22.42 9.28 -2.80
C VAL A 269 21.84 10.65 -3.15
N GLU A 270 21.80 10.96 -4.44
CA GLU A 270 21.31 12.24 -4.89
C GLU A 270 19.79 12.25 -4.96
N ASP A 271 19.21 13.45 -4.77
CA ASP A 271 17.76 13.59 -4.78
C ASP A 271 17.14 13.03 -6.06
N GLU A 272 17.87 13.12 -7.18
CA GLU A 272 17.35 12.66 -8.46
C GLU A 272 17.11 11.16 -8.50
N ASN A 273 17.77 10.39 -7.63
CA ASN A 273 17.63 8.94 -7.61
C ASN A 273 16.66 8.45 -6.55
N ILE A 274 15.95 9.36 -5.89
CA ILE A 274 15.01 9.03 -4.83
C ILE A 274 13.64 9.55 -5.25
N LEU A 275 12.70 8.65 -5.47
CA LEU A 275 11.33 9.03 -5.83
C LEU A 275 10.42 8.63 -4.69
N LEU A 276 9.65 9.59 -4.19
CA LEU A 276 8.77 9.39 -3.04
C LEU A 276 7.33 9.56 -3.49
N ASP A 277 6.46 8.63 -3.07
CA ASP A 277 5.01 8.80 -3.17
C ASP A 277 4.54 9.01 -1.74
N ASP A 278 4.18 10.24 -1.38
CA ASP A 278 3.73 10.52 -0.03
CA ASP A 278 3.73 10.58 -0.04
C ASP A 278 2.21 10.60 -0.03
N PHE A 279 1.60 9.66 0.67
CA PHE A 279 0.15 9.56 0.78
C PHE A 279 -0.38 10.66 1.68
PA FAD B . -9.67 12.64 6.49
O1A FAD B . -8.94 13.40 5.43
O2A FAD B . -11.14 12.91 6.69
O5B FAD B . -8.95 12.84 7.89
C5B FAD B . -7.53 12.64 8.03
C4B FAD B . -7.14 12.42 9.49
O4B FAD B . -7.37 13.65 10.23
C3B FAD B . -7.94 11.33 10.21
O3B FAD B . -7.06 10.54 11.03
C2B FAD B . -8.92 12.13 11.05
O2B FAD B . -9.37 11.43 12.22
C1B FAD B . -8.05 13.33 11.43
N9A FAD B . -8.81 14.49 11.87
C8A FAD B . -9.94 15.01 11.31
N7A FAD B . -10.42 16.06 11.94
C5A FAD B . -9.55 16.23 13.00
C6A FAD B . -9.50 17.17 14.05
N6A FAD B . -10.39 18.16 14.20
N1A FAD B . -8.51 17.05 14.95
C2A FAD B . -7.60 16.08 14.79
N3A FAD B . -7.53 15.15 13.83
C4A FAD B . -8.55 15.27 12.97
N1 FAD B . -4.33 6.16 1.37
C2 FAD B . -4.40 4.81 1.46
O2 FAD B . -4.83 4.26 2.49
N3 FAD B . -4.02 4.03 0.37
C4 FAD B . -3.55 4.51 -0.84
O4 FAD B . -3.23 3.74 -1.76
C4X FAD B . -3.47 5.94 -0.92
N5 FAD B . -3.02 6.48 -2.04
C5X FAD B . -2.94 7.84 -2.11
C6 FAD B . -2.46 8.44 -3.28
C7 FAD B . -2.37 9.82 -3.40
C7M FAD B . -1.86 10.41 -4.69
C8 FAD B . -2.77 10.64 -2.34
C8M FAD B . -2.69 12.15 -2.44
C9 FAD B . -3.24 10.06 -1.16
C9A FAD B . -3.33 8.68 -1.05
N10 FAD B . -3.77 8.05 0.15
C10 FAD B . -3.88 6.69 0.23
C1' FAD B . -4.32 8.85 1.24
C2' FAD B . -5.83 9.03 1.04
O2' FAD B . -6.10 9.83 -0.12
C3' FAD B . -6.48 9.69 2.25
O3' FAD B . -5.85 10.93 2.55
C4' FAD B . -6.62 8.81 3.48
O4' FAD B . -7.43 7.68 3.16
C5' FAD B . -7.26 9.56 4.65
O5' FAD B . -8.46 10.21 4.18
P FAD B . -9.79 10.18 5.02
O1P FAD B . -10.87 10.90 4.21
O2P FAD B . -10.12 8.79 5.49
O3P FAD B . -9.44 11.08 6.28
C1 F0R C . 6.24 3.64 11.12
C10 F0R C . 12.37 5.14 12.77
C11 F0R C . 13.10 4.47 13.68
C12 F0R C . 13.91 5.44 14.35
C13 F0R C . 13.58 6.65 13.81
C2 F0R C . 6.43 2.16 11.15
C3 F0R C . 5.51 1.29 10.57
C4 F0R C . 5.68 -0.07 10.59
C5 F0R C . 6.80 -0.61 11.19
C6 F0R C . 7.75 0.22 11.76
C7 F0R C . 7.56 1.59 11.75
C8 F0R C . 9.53 3.05 11.64
C9 F0R C . 11.35 4.68 11.79
N1 F0R C . 8.55 2.47 12.33
N2 F0R C . 10.30 3.86 12.37
O1 F0R C . 12.63 6.48 12.83
S1 F0R C . 9.82 2.79 10.00
S DMS D . -23.43 1.85 -1.92
O DMS D . -23.96 0.85 -2.91
C1 DMS D . -24.04 1.44 -0.26
C2 DMS D . -21.66 1.59 -1.64
H11 DMS D . -23.85 0.43 -0.05
H12 DMS D . -25.08 1.62 -0.21
H13 DMS D . -23.54 2.04 0.46
H21 DMS D . -21.16 2.53 -1.61
H22 DMS D . -21.26 1.01 -2.43
H23 DMS D . -21.51 1.09 -0.72
#